data_5TCD
#
_entry.id   5TCD
#
_cell.length_a   104.223
_cell.length_b   104.223
_cell.length_c   113.893
_cell.angle_alpha   90.00
_cell.angle_beta   90.00
_cell.angle_gamma   120.00
#
_symmetry.space_group_name_H-M   'P 31 2 1'
#
loop_
_entity.id
_entity.type
_entity.pdbx_description
1 polymer 'Ectonucleotide pyrophosphatase/phosphodiesterase family member 7'
2 branched 2-acetamido-2-deoxy-beta-D-glucopyranose-(1-4)-2-acetamido-2-deoxy-beta-D-glucopyranose
3 branched beta-D-mannopyranose-(1-4)-2-acetamido-2-deoxy-beta-D-glucopyranose-(1-4)-2-acetamido-2-deoxy-beta-D-glucopyranose
4 branched 2-acetamido-2-deoxy-beta-D-glucopyranose-(1-4)-[alpha-L-fucopyranose-(1-6)]2-acetamido-2-deoxy-beta-D-glucopyranose
5 non-polymer 'ZINC ION'
6 non-polymer 2-acetamido-2-deoxy-beta-D-glucopyranose
7 non-polymer 'SODIUM ION'
8 non-polymer 'IODIDE ION'
9 non-polymer PHOSPHOCHOLINE
10 water water
#
_entity_poly.entity_id   1
_entity_poly.type   'polypeptide(L)'
_entity_poly.pdbx_seq_one_letter_code
;DRHHHHHHKLAPVQSQGSQNKLLLVSFDGFRWNYDQDVDTPNLDAMARDGVKARYMTPAFVTMTSPCHFTLVTGKYIENH
GVVHNMYYNTTSKVKLPYHATLGIQRWWDNGSVPIWITAQRQGLRAGSFFYPGGNVTYQGVAVTRSRKEGIAHNYKNETE
WRANIDTVMAWFTEEDLDLVTLYFGEPDSTGHRYGPESPERREMVRQVDRTVGYLRESIARNHLTDRLNLIITSDHGMTT
VDKRAGDLVEFHKFPNFTFRDIEFELLDYGPNGMLLPKEGRLEKVYDALKDAHPKLHVYKKEAFPEAFHYANNPRVTPLL
MYSDLGYVIHGRINVQFNNGEHGFDNKDMDMKTIFRAVGPSFRAGLEVEPFESVHVYELMCRLLGIVPEANDGHLATLLP
MLHTESALPPDGRPTLLPKGRS
;
_entity_poly.pdbx_strand_id   A
#
loop_
_chem_comp.id
_chem_comp.type
_chem_comp.name
_chem_comp.formula
BMA D-saccharide, beta linking beta-D-mannopyranose 'C6 H12 O6'
FUC L-saccharide, alpha linking alpha-L-fucopyranose 'C6 H12 O5'
IOD non-polymer 'IODIDE ION' 'I -1'
NA non-polymer 'SODIUM ION' 'Na 1'
NAG D-saccharide, beta linking 2-acetamido-2-deoxy-beta-D-glucopyranose 'C8 H15 N O6'
PC non-polymer PHOSPHOCHOLINE 'C5 H15 N O4 P 1'
ZN non-polymer 'ZINC ION' 'Zn 2'
#
# COMPACT_ATOMS: atom_id res chain seq x y z
N GLN A 19 11.74 -3.83 26.53
CA GLN A 19 10.93 -4.17 25.37
C GLN A 19 11.71 -4.01 24.08
N ASN A 20 11.23 -4.63 23.01
CA ASN A 20 11.90 -4.58 21.72
C ASN A 20 11.33 -3.45 20.87
N LYS A 21 12.21 -2.80 20.11
CA LYS A 21 11.78 -1.78 19.16
C LYS A 21 11.28 -2.44 17.88
N LEU A 22 10.56 -1.66 17.08
CA LEU A 22 9.97 -2.16 15.84
C LEU A 22 10.30 -1.22 14.70
N LEU A 23 10.78 -1.79 13.60
CA LEU A 23 11.04 -1.05 12.36
C LEU A 23 10.26 -1.73 11.23
N LEU A 24 9.25 -1.05 10.72
CA LEU A 24 8.50 -1.49 9.56
C LEU A 24 9.01 -0.76 8.33
N VAL A 25 9.41 -1.51 7.31
CA VAL A 25 9.92 -0.94 6.07
C VAL A 25 9.04 -1.40 4.93
N SER A 26 8.72 -0.48 4.03
CA SER A 26 7.92 -0.80 2.86
C SER A 26 8.65 -0.34 1.61
N PHE A 27 8.84 -1.27 0.66
CA PHE A 27 9.28 -0.95 -0.69
C PHE A 27 8.06 -1.00 -1.59
N ASP A 28 7.64 0.16 -2.08
CA ASP A 28 6.39 0.26 -2.81
C ASP A 28 6.39 -0.65 -4.03
N GLY A 29 5.29 -1.36 -4.23
CA GLY A 29 5.10 -2.16 -5.43
C GLY A 29 6.06 -3.32 -5.59
N PHE A 30 6.37 -4.02 -4.50
CA PHE A 30 7.28 -5.16 -4.55
C PHE A 30 6.44 -6.43 -4.72
N ARG A 31 6.42 -6.95 -5.96
CA ARG A 31 5.64 -8.14 -6.25
C ARG A 31 6.22 -9.36 -5.53
N TRP A 32 5.32 -10.27 -5.15
CA TRP A 32 5.67 -11.38 -4.27
C TRP A 32 6.83 -12.21 -4.81
N ASN A 33 7.05 -12.21 -6.12
CA ASN A 33 8.06 -13.07 -6.74
C ASN A 33 9.17 -12.27 -7.43
N TYR A 34 9.29 -10.98 -7.14
CA TYR A 34 10.36 -10.20 -7.75
C TYR A 34 11.74 -10.74 -7.42
N ASP A 35 11.87 -11.47 -6.31
CA ASP A 35 13.16 -12.03 -5.92
C ASP A 35 13.46 -13.36 -6.60
N GLN A 36 12.50 -13.94 -7.32
CA GLN A 36 12.71 -15.26 -7.89
C GLN A 36 13.58 -15.25 -9.14
N ASP A 37 13.55 -14.17 -9.92
CA ASP A 37 14.37 -14.05 -11.11
C ASP A 37 15.45 -12.97 -10.96
N VAL A 38 15.91 -12.74 -9.72
CA VAL A 38 16.98 -11.80 -9.43
C VAL A 38 17.87 -12.40 -8.34
N ASP A 39 19.17 -12.13 -8.44
CA ASP A 39 20.09 -12.49 -7.36
C ASP A 39 19.85 -11.55 -6.18
N THR A 40 19.34 -12.11 -5.08
CA THR A 40 18.98 -11.34 -3.89
C THR A 40 19.61 -11.98 -2.66
N PRO A 41 20.94 -11.87 -2.53
CA PRO A 41 21.59 -12.58 -1.42
C PRO A 41 21.08 -12.17 -0.05
N ASN A 42 20.82 -10.87 0.16
CA ASN A 42 20.47 -10.39 1.48
C ASN A 42 19.05 -10.78 1.87
N LEU A 43 18.12 -10.83 0.91
CA LEU A 43 16.78 -11.32 1.22
C LEU A 43 16.80 -12.81 1.50
N ASP A 44 17.58 -13.58 0.72
CA ASP A 44 17.71 -15.00 1.00
C ASP A 44 18.27 -15.23 2.42
N ALA A 45 19.27 -14.45 2.81
CA ALA A 45 19.83 -14.57 4.16
C ALA A 45 18.79 -14.21 5.21
N MET A 46 18.01 -13.15 4.96
CA MET A 46 16.96 -12.77 5.90
C MET A 46 15.88 -13.84 5.99
N ALA A 47 15.63 -14.58 4.91
CA ALA A 47 14.71 -15.70 4.98
C ALA A 47 15.27 -16.82 5.84
N ARG A 48 16.60 -17.05 5.77
CA ARG A 48 17.22 -18.04 6.64
C ARG A 48 17.13 -17.63 8.10
N ASP A 49 17.35 -16.35 8.39
CA ASP A 49 17.42 -15.86 9.77
C ASP A 49 16.07 -15.50 10.36
N GLY A 50 15.03 -15.40 9.53
CA GLY A 50 13.74 -14.95 10.04
C GLY A 50 12.54 -15.66 9.43
N VAL A 51 11.47 -14.90 9.22
CA VAL A 51 10.20 -15.44 8.75
C VAL A 51 9.90 -14.88 7.37
N LYS A 52 9.14 -15.66 6.60
CA LYS A 52 8.78 -15.27 5.24
C LYS A 52 7.44 -15.88 4.88
N ALA A 53 6.55 -15.07 4.34
CA ALA A 53 5.29 -15.55 3.78
C ALA A 53 5.50 -15.93 2.33
N ARG A 54 4.90 -17.05 1.91
CA ARG A 54 4.93 -17.42 0.50
C ARG A 54 4.50 -16.25 -0.36
N TYR A 55 3.43 -15.57 0.04
CA TYR A 55 3.08 -14.26 -0.49
C TYR A 55 2.02 -13.67 0.44
N MET A 56 1.86 -12.35 0.38
CA MET A 56 0.84 -11.64 1.16
C MET A 56 -0.19 -11.06 0.22
N THR A 57 -1.47 -11.24 0.56
CA THR A 57 -2.56 -10.69 -0.24
C THR A 57 -2.85 -9.26 0.20
N PRO A 58 -2.74 -8.26 -0.67
CA PRO A 58 -3.02 -6.89 -0.26
C PRO A 58 -4.52 -6.61 -0.22
N ALA A 59 -4.84 -5.45 0.36
CA ALA A 59 -6.22 -4.99 0.38
C ALA A 59 -6.62 -4.42 -0.97
N PHE A 60 -7.92 -4.46 -1.25
CA PHE A 60 -8.47 -3.87 -2.47
C PHE A 60 -9.20 -2.57 -2.12
N VAL A 61 -9.03 -1.49 -2.89
CA VAL A 61 -8.20 -1.44 -4.09
C VAL A 61 -6.71 -1.53 -3.76
N THR A 62 -5.94 -2.09 -4.69
CA THR A 62 -4.50 -2.25 -4.52
C THR A 62 -3.77 -0.98 -4.93
N MET A 63 -4.05 0.09 -4.18
CA MET A 63 -3.40 1.37 -4.34
C MET A 63 -2.43 1.61 -3.19
N THR A 64 -1.52 2.57 -3.39
CA THR A 64 -0.42 2.79 -2.45
C THR A 64 -0.95 3.28 -1.11
N SER A 65 -1.76 4.35 -1.11
CA SER A 65 -2.19 4.92 0.17
C SER A 65 -3.22 4.03 0.86
N PRO A 66 -4.29 3.57 0.20
CA PRO A 66 -5.22 2.65 0.89
C PRO A 66 -4.53 1.44 1.50
N CYS A 67 -3.62 0.79 0.78
CA CYS A 67 -2.98 -0.42 1.30
C CYS A 67 -2.00 -0.10 2.42
N HIS A 68 -1.32 1.04 2.36
CA HIS A 68 -0.40 1.41 3.44
C HIS A 68 -1.15 1.75 4.70
N PHE A 69 -2.32 2.40 4.58
CA PHE A 69 -3.10 2.72 5.77
C PHE A 69 -3.70 1.46 6.38
N THR A 70 -3.94 0.44 5.57
CA THR A 70 -4.38 -0.85 6.11
C THR A 70 -3.30 -1.47 6.99
N LEU A 71 -2.03 -1.37 6.58
CA LEU A 71 -0.95 -1.95 7.36
C LEU A 71 -0.86 -1.33 8.75
N VAL A 72 -1.16 -0.04 8.88
CA VAL A 72 -0.99 0.67 10.14
C VAL A 72 -2.30 0.88 10.90
N THR A 73 -3.41 0.33 10.41
CA THR A 73 -4.67 0.35 11.14
C THR A 73 -5.28 -1.03 11.34
N GLY A 74 -4.86 -2.03 10.55
CA GLY A 74 -5.45 -3.35 10.65
C GLY A 74 -6.86 -3.43 10.13
N LYS A 75 -7.30 -2.46 9.33
CA LYS A 75 -8.65 -2.39 8.83
C LYS A 75 -8.67 -2.53 7.31
N TYR A 76 -9.76 -3.11 6.81
CA TYR A 76 -10.02 -3.06 5.39
C TYR A 76 -10.30 -1.62 4.96
N ILE A 77 -10.14 -1.37 3.65
CA ILE A 77 -10.15 0.00 3.15
C ILE A 77 -11.52 0.64 3.36
N GLU A 78 -12.59 -0.13 3.20
CA GLU A 78 -13.93 0.44 3.41
C GLU A 78 -14.13 0.94 4.84
N ASN A 79 -13.28 0.52 5.77
CA ASN A 79 -13.47 0.84 7.18
C ASN A 79 -12.55 1.95 7.69
N HIS A 80 -11.37 2.14 7.10
CA HIS A 80 -10.51 3.23 7.54
C HIS A 80 -10.66 4.49 6.71
N GLY A 81 -11.31 4.42 5.54
CA GLY A 81 -11.78 5.59 4.83
C GLY A 81 -10.86 6.10 3.74
N VAL A 82 -9.57 5.75 3.77
CA VAL A 82 -8.64 6.15 2.73
C VAL A 82 -8.87 5.25 1.52
N VAL A 83 -9.85 5.60 0.69
CA VAL A 83 -10.32 4.73 -0.37
C VAL A 83 -9.65 5.04 -1.71
N HIS A 84 -8.66 5.93 -1.73
CA HIS A 84 -8.01 6.29 -2.98
C HIS A 84 -6.69 6.99 -2.69
N ASN A 85 -5.75 6.89 -3.63
CA ASN A 85 -4.52 7.67 -3.54
C ASN A 85 -4.81 9.16 -3.57
N MET A 86 -5.83 9.56 -4.32
CA MET A 86 -6.18 10.97 -4.49
C MET A 86 -7.29 11.36 -3.52
N TYR A 87 -7.08 12.44 -2.79
CA TYR A 87 -8.20 13.08 -2.12
C TYR A 87 -9.16 13.64 -3.16
N TYR A 88 -10.46 13.45 -2.91
CA TYR A 88 -11.46 13.99 -3.82
C TYR A 88 -12.71 14.38 -3.04
N ASN A 89 -13.50 15.24 -3.67
CA ASN A 89 -14.70 15.81 -3.03
C ASN A 89 -15.69 16.05 -4.16
N THR A 90 -16.73 15.22 -4.21
CA THR A 90 -17.67 15.26 -5.34
C THR A 90 -18.44 16.57 -5.41
N THR A 91 -18.58 17.27 -4.28
CA THR A 91 -19.30 18.55 -4.29
C THR A 91 -18.46 19.64 -4.93
N SER A 92 -17.20 19.74 -4.55
CA SER A 92 -16.31 20.79 -5.03
C SER A 92 -15.61 20.42 -6.32
N LYS A 93 -15.51 19.14 -6.65
CA LYS A 93 -14.84 18.61 -7.85
C LYS A 93 -13.33 18.60 -7.68
N VAL A 94 -12.82 18.83 -6.47
CA VAL A 94 -11.38 18.81 -6.24
C VAL A 94 -10.87 17.37 -6.29
N LYS A 95 -9.74 17.17 -6.98
CA LYS A 95 -9.07 15.89 -7.03
C LYS A 95 -7.57 16.16 -6.93
N LEU A 96 -6.97 15.80 -5.78
CA LEU A 96 -5.57 16.10 -5.54
C LEU A 96 -4.69 14.87 -5.75
N PRO A 97 -3.54 15.00 -6.43
CA PRO A 97 -2.69 13.83 -6.67
C PRO A 97 -2.11 13.23 -5.40
N TYR A 98 -1.32 12.16 -5.56
CA TYR A 98 -0.85 11.38 -4.42
C TYR A 98 -0.09 12.26 -3.42
N HIS A 99 0.90 13.01 -3.89
CA HIS A 99 1.75 13.74 -2.96
C HIS A 99 0.96 14.80 -2.19
N ALA A 100 0.09 15.55 -2.88
CA ALA A 100 -0.70 16.56 -2.19
C ALA A 100 -1.60 15.92 -1.14
N THR A 101 -2.18 14.76 -1.46
CA THR A 101 -3.05 14.08 -0.51
C THR A 101 -2.32 13.65 0.76
N LEU A 102 -0.99 13.47 0.68
CA LEU A 102 -0.22 13.12 1.87
C LEU A 102 -0.35 14.17 2.96
N GLY A 103 -0.72 15.40 2.60
CA GLY A 103 -0.89 16.48 3.56
C GLY A 103 -2.32 16.90 3.82
N ILE A 104 -3.31 16.17 3.32
CA ILE A 104 -4.72 16.48 3.57
C ILE A 104 -5.12 15.74 4.84
N GLN A 105 -5.21 16.47 5.95
CA GLN A 105 -5.45 15.84 7.25
C GLN A 105 -6.79 15.13 7.28
N ARG A 106 -7.84 15.75 6.75
CA ARG A 106 -9.18 15.17 6.84
C ARG A 106 -9.29 13.85 6.09
N TRP A 107 -8.44 13.63 5.08
CA TRP A 107 -8.50 12.38 4.33
C TRP A 107 -8.13 11.19 5.21
N TRP A 108 -7.05 11.31 5.97
CA TRP A 108 -6.54 10.22 6.79
C TRP A 108 -7.19 10.15 8.17
N ASP A 109 -7.51 11.30 8.77
CA ASP A 109 -8.12 11.35 10.09
C ASP A 109 -9.65 11.31 9.95
N ASN A 110 -10.14 10.13 9.59
CA ASN A 110 -11.55 9.92 9.27
C ASN A 110 -12.16 8.84 10.15
N GLY A 111 -11.75 8.80 11.42
CA GLY A 111 -12.36 7.91 12.40
C GLY A 111 -11.51 6.71 12.78
N SER A 112 -10.39 6.48 12.11
CA SER A 112 -9.48 5.39 12.46
C SER A 112 -8.15 5.96 12.95
N VAL A 113 -7.52 5.22 13.84
CA VAL A 113 -6.31 5.66 14.53
C VAL A 113 -5.14 4.81 14.03
N PRO A 114 -4.14 5.38 13.37
CA PRO A 114 -2.97 4.59 12.97
C PRO A 114 -2.07 4.27 14.15
N ILE A 115 -1.13 3.35 13.90
CA ILE A 115 -0.38 2.73 14.98
C ILE A 115 0.53 3.74 15.70
N TRP A 116 1.05 4.74 14.99
CA TRP A 116 1.89 5.74 15.65
C TRP A 116 1.15 6.37 16.83
N ILE A 117 -0.12 6.71 16.64
CA ILE A 117 -0.88 7.42 17.66
C ILE A 117 -1.26 6.49 18.79
N THR A 118 -1.75 5.30 18.46
CA THR A 118 -2.07 4.31 19.49
C THR A 118 -0.87 4.05 20.39
N ALA A 119 0.30 3.87 19.78
CA ALA A 119 1.51 3.61 20.57
C ALA A 119 1.88 4.81 21.44
N GLN A 120 1.71 6.02 20.90
CA GLN A 120 2.11 7.21 21.65
C GLN A 120 1.17 7.49 22.81
N ARG A 121 -0.10 7.14 22.68
CA ARG A 121 -1.04 7.27 23.80
C ARG A 121 -0.75 6.27 24.91
N GLN A 122 0.12 5.29 24.68
CA GLN A 122 0.47 4.29 25.67
C GLN A 122 1.93 4.39 26.11
N GLY A 123 2.55 5.55 25.92
CA GLY A 123 3.85 5.82 26.47
C GLY A 123 5.02 5.61 25.55
N LEU A 124 4.79 5.35 24.27
CA LEU A 124 5.84 5.09 23.31
C LEU A 124 6.09 6.32 22.45
N ARG A 125 7.23 6.30 21.76
CA ARG A 125 7.60 7.35 20.81
C ARG A 125 7.74 6.69 19.43
N ALA A 126 7.01 7.22 18.46
CA ALA A 126 6.95 6.61 17.14
C ALA A 126 7.33 7.63 16.07
N GLY A 127 7.79 7.13 14.93
CA GLY A 127 8.21 7.99 13.85
C GLY A 127 7.77 7.45 12.50
N SER A 128 7.65 8.36 11.54
CA SER A 128 7.31 8.03 10.17
C SER A 128 8.28 8.72 9.24
N PHE A 129 8.89 7.96 8.33
CA PHE A 129 9.81 8.51 7.34
C PHE A 129 9.22 8.22 5.95
N PHE A 130 8.62 9.24 5.34
CA PHE A 130 8.01 9.14 4.01
C PHE A 130 6.83 8.18 3.97
N TYR A 131 6.33 7.74 5.11
CA TYR A 131 5.26 6.74 5.10
C TYR A 131 3.91 7.43 4.86
N PRO A 132 3.06 6.88 3.99
CA PRO A 132 1.76 7.53 3.72
C PRO A 132 0.91 7.64 4.98
N GLY A 133 0.39 8.85 5.22
CA GLY A 133 -0.41 9.13 6.39
C GLY A 133 0.38 9.55 7.60
N GLY A 134 1.71 9.48 7.56
CA GLY A 134 2.55 9.77 8.71
C GLY A 134 2.96 11.21 8.88
N ASN A 135 2.45 12.13 8.05
CA ASN A 135 2.82 13.54 8.13
C ASN A 135 1.62 14.43 8.45
N VAL A 136 0.56 13.85 9.03
CA VAL A 136 -0.61 14.61 9.44
C VAL A 136 -0.93 14.25 10.88
N THR A 137 -1.70 15.11 11.54
CA THR A 137 -2.15 14.87 12.90
C THR A 137 -3.43 14.04 12.89
N TYR A 138 -3.65 13.32 13.98
CA TYR A 138 -4.84 12.50 14.16
C TYR A 138 -5.47 12.88 15.50
N GLN A 139 -6.63 13.53 15.43
CA GLN A 139 -7.31 14.04 16.63
C GLN A 139 -6.37 14.93 17.43
N GLY A 140 -5.60 15.75 16.73
CA GLY A 140 -4.73 16.72 17.35
C GLY A 140 -3.36 16.21 17.74
N VAL A 141 -3.11 14.91 17.60
CA VAL A 141 -1.83 14.31 18.00
C VAL A 141 -0.95 14.18 16.77
N ALA A 142 0.32 14.55 16.91
CA ALA A 142 1.30 14.44 15.85
C ALA A 142 2.29 13.33 16.15
N VAL A 143 2.84 12.75 15.09
CA VAL A 143 3.85 11.72 15.25
C VAL A 143 5.12 12.34 15.82
N THR A 144 5.77 11.61 16.73
CA THR A 144 6.94 12.16 17.43
C THR A 144 7.98 12.67 16.46
N ARG A 145 8.28 11.88 15.42
CA ARG A 145 9.21 12.26 14.37
C ARG A 145 8.54 11.95 13.03
N SER A 146 8.55 12.93 12.13
CA SER A 146 7.90 12.76 10.83
C SER A 146 8.69 13.47 9.75
N ARG A 147 8.86 12.79 8.62
CA ARG A 147 9.53 13.34 7.45
C ARG A 147 8.67 13.06 6.22
N LYS A 148 8.54 14.06 5.36
CA LYS A 148 7.81 13.92 4.10
C LYS A 148 8.67 14.43 2.95
N GLU A 149 8.65 13.69 1.84
CA GLU A 149 9.49 14.03 0.71
C GLU A 149 8.92 15.24 -0.04
N GLY A 150 9.74 15.79 -0.94
CA GLY A 150 9.32 16.91 -1.74
C GLY A 150 8.40 16.52 -2.89
N ILE A 151 7.89 17.54 -3.58
CA ILE A 151 6.93 17.29 -4.66
C ILE A 151 7.59 16.62 -5.85
N ALA A 152 8.86 16.93 -6.13
CA ALA A 152 9.59 16.34 -7.24
C ALA A 152 10.66 15.37 -6.76
N HIS A 153 10.32 14.58 -5.75
CA HIS A 153 11.31 13.72 -5.10
C HIS A 153 11.82 12.65 -6.06
N ASN A 154 13.12 12.37 -5.95
CA ASN A 154 13.73 11.24 -6.65
C ASN A 154 13.73 10.03 -5.72
N TYR A 155 13.02 8.98 -6.12
CA TYR A 155 12.79 7.82 -5.27
C TYR A 155 13.81 6.71 -5.46
N LYS A 156 14.76 6.85 -6.38
CA LYS A 156 15.68 5.75 -6.70
C LYS A 156 17.15 6.13 -6.49
N ASN A 157 17.42 7.15 -5.67
CA ASN A 157 18.79 7.56 -5.37
C ASN A 157 19.28 6.75 -4.18
N GLU A 158 20.16 5.78 -4.45
CA GLU A 158 20.59 4.85 -3.42
C GLU A 158 21.32 5.56 -2.29
N THR A 159 22.15 6.55 -2.62
CA THR A 159 22.86 7.31 -1.59
C THR A 159 21.85 7.97 -0.64
N GLU A 160 20.78 8.53 -1.18
CA GLU A 160 19.75 9.13 -0.35
C GLU A 160 19.05 8.08 0.52
N TRP A 161 18.90 6.86 0.00
CA TRP A 161 18.31 5.78 0.80
C TRP A 161 19.14 5.51 2.05
N ARG A 162 20.45 5.31 1.87
CA ARG A 162 21.31 5.01 3.00
C ARG A 162 21.29 6.15 4.02
N ALA A 163 21.23 7.40 3.54
CA ALA A 163 21.15 8.53 4.45
C ALA A 163 19.88 8.49 5.28
N ASN A 164 18.75 8.19 4.64
CA ASN A 164 17.49 8.09 5.38
C ASN A 164 17.57 6.98 6.43
N ILE A 165 18.19 5.86 6.09
CA ILE A 165 18.35 4.78 7.06
C ILE A 165 19.21 5.24 8.23
N ASP A 166 20.27 6.01 7.93
CA ASP A 166 21.09 6.57 8.99
C ASP A 166 20.25 7.43 9.93
N THR A 167 19.42 8.31 9.38
CA THR A 167 18.53 9.12 10.20
C THR A 167 17.64 8.23 11.06
N VAL A 168 17.00 7.23 10.45
CA VAL A 168 16.11 6.34 11.20
C VAL A 168 16.85 5.70 12.37
N MET A 169 18.08 5.24 12.14
CA MET A 169 18.86 4.64 13.22
C MET A 169 19.12 5.66 14.32
N ALA A 170 19.31 6.93 13.94
CA ALA A 170 19.50 7.97 14.95
C ALA A 170 18.22 8.20 15.75
N TRP A 171 17.06 8.14 15.09
CA TRP A 171 15.79 8.23 15.81
C TRP A 171 15.70 7.16 16.88
N PHE A 172 16.09 5.92 16.56
CA PHE A 172 16.02 4.84 17.53
C PHE A 172 16.97 5.06 18.69
N THR A 173 18.20 5.48 18.40
CA THR A 173 19.25 5.49 19.42
C THR A 173 19.33 6.83 20.15
N GLU A 174 19.20 7.95 19.45
CA GLU A 174 19.40 9.26 20.05
C GLU A 174 18.10 10.00 20.35
N GLU A 175 16.97 9.56 19.79
CA GLU A 175 15.69 10.18 20.08
C GLU A 175 14.76 9.25 20.85
N ASP A 176 15.25 8.09 21.27
CA ASP A 176 14.50 7.15 22.10
C ASP A 176 13.12 6.87 21.50
N LEU A 177 13.10 6.53 20.22
CA LEU A 177 11.88 6.08 19.56
C LEU A 177 11.78 4.57 19.64
N ASP A 178 10.54 4.09 19.81
CA ASP A 178 10.28 2.66 19.89
C ASP A 178 9.74 2.07 18.59
N LEU A 179 9.20 2.91 17.70
CA LEU A 179 8.58 2.46 16.48
C LEU A 179 8.92 3.44 15.36
N VAL A 180 9.22 2.91 14.18
CA VAL A 180 9.43 3.72 12.99
C VAL A 180 8.88 2.98 11.79
N THR A 181 8.23 3.72 10.89
CA THR A 181 7.74 3.20 9.62
C THR A 181 8.47 3.93 8.50
N LEU A 182 9.27 3.19 7.74
CA LEU A 182 10.13 3.75 6.70
C LEU A 182 9.62 3.32 5.33
N TYR A 183 9.48 4.28 4.43
CA TYR A 183 8.88 4.05 3.11
C TYR A 183 9.88 4.33 2.01
N PHE A 184 9.87 3.48 0.98
CA PHE A 184 10.63 3.69 -0.25
C PHE A 184 9.68 3.61 -1.43
N GLY A 185 9.89 4.46 -2.43
CA GLY A 185 9.06 4.51 -3.61
C GLY A 185 9.45 3.57 -4.73
N GLU A 186 10.44 2.72 -4.52
CA GLU A 186 10.82 1.71 -5.51
C GLU A 186 10.57 0.32 -4.92
N PRO A 187 10.38 -0.69 -5.78
CA PRO A 187 10.48 -0.71 -7.25
C PRO A 187 9.22 -0.27 -8.01
N ASP A 188 8.29 0.41 -7.33
CA ASP A 188 7.04 0.81 -7.98
C ASP A 188 7.29 1.76 -9.15
N SER A 189 8.06 2.82 -8.91
CA SER A 189 8.32 3.80 -9.96
C SER A 189 8.89 3.14 -11.19
N THR A 190 9.93 2.33 -11.01
CA THR A 190 10.56 1.66 -12.15
C THR A 190 9.61 0.67 -12.80
N GLY A 191 8.86 -0.09 -12.00
CA GLY A 191 7.88 -1.00 -12.56
C GLY A 191 6.85 -0.30 -13.43
N HIS A 192 6.40 0.88 -13.01
CA HIS A 192 5.46 1.65 -13.81
C HIS A 192 6.09 2.05 -15.15
N ARG A 193 7.29 2.60 -15.11
CA ARG A 193 7.88 3.20 -16.31
C ARG A 193 8.31 2.13 -17.30
N TYR A 194 9.07 1.13 -16.84
CA TYR A 194 9.67 0.15 -17.74
C TYR A 194 8.92 -1.17 -17.76
N GLY A 195 8.09 -1.46 -16.76
CA GLY A 195 7.37 -2.70 -16.71
C GLY A 195 7.94 -3.63 -15.66
N PRO A 196 7.10 -4.52 -15.11
CA PRO A 196 7.59 -5.42 -14.05
C PRO A 196 8.49 -6.53 -14.54
N GLU A 197 8.49 -6.84 -15.84
CA GLU A 197 9.34 -7.89 -16.39
C GLU A 197 10.62 -7.35 -17.02
N SER A 198 10.86 -6.04 -16.92
CA SER A 198 11.97 -5.40 -17.63
C SER A 198 13.29 -5.61 -16.90
N PRO A 199 14.41 -5.42 -17.60
CA PRO A 199 15.71 -5.45 -16.91
C PRO A 199 15.90 -4.29 -15.95
N GLU A 200 15.25 -3.15 -16.18
CA GLU A 200 15.37 -2.03 -15.26
C GLU A 200 14.80 -2.39 -13.90
N ARG A 201 13.66 -3.07 -13.88
CA ARG A 201 13.06 -3.49 -12.61
C ARG A 201 14.02 -4.38 -11.84
N ARG A 202 14.59 -5.39 -12.50
CA ARG A 202 15.50 -6.30 -11.82
C ARG A 202 16.72 -5.56 -11.26
N GLU A 203 17.24 -4.59 -12.01
CA GLU A 203 18.31 -3.75 -11.49
C GLU A 203 17.87 -3.03 -10.22
N MET A 204 16.62 -2.56 -10.19
CA MET A 204 16.12 -1.86 -9.00
C MET A 204 15.92 -2.83 -7.84
N VAL A 205 15.50 -4.07 -8.12
CA VAL A 205 15.38 -5.06 -7.06
C VAL A 205 16.76 -5.42 -6.51
N ARG A 206 17.78 -5.44 -7.35
CA ARG A 206 19.13 -5.64 -6.85
C ARG A 206 19.55 -4.49 -5.93
N GLN A 207 19.10 -3.26 -6.25
CA GLN A 207 19.38 -2.14 -5.37
C GLN A 207 18.63 -2.29 -4.04
N VAL A 208 17.38 -2.75 -4.09
CA VAL A 208 16.64 -3.01 -2.86
C VAL A 208 17.38 -4.02 -2.00
N ASP A 209 17.89 -5.08 -2.62
CA ASP A 209 18.54 -6.12 -1.85
C ASP A 209 19.82 -5.61 -1.20
N ARG A 210 20.57 -4.75 -1.89
CA ARG A 210 21.74 -4.12 -1.26
C ARG A 210 21.32 -3.23 -0.09
N THR A 211 20.12 -2.67 -0.14
CA THR A 211 19.63 -1.85 0.97
C THR A 211 19.23 -2.73 2.15
N VAL A 212 18.60 -3.87 1.89
CA VAL A 212 18.26 -4.79 2.96
C VAL A 212 19.51 -5.16 3.75
N GLY A 213 20.58 -5.50 3.04
CA GLY A 213 21.84 -5.77 3.72
C GLY A 213 22.33 -4.59 4.53
N TYR A 214 22.33 -3.40 3.92
CA TYR A 214 22.76 -2.20 4.63
C TYR A 214 21.87 -1.95 5.84
N LEU A 215 20.59 -2.28 5.73
CA LEU A 215 19.67 -2.11 6.84
C LEU A 215 20.07 -2.97 8.02
N ARG A 216 20.30 -4.27 7.76
CA ARG A 216 20.74 -5.18 8.82
C ARG A 216 22.13 -4.81 9.30
N GLU A 217 23.00 -4.38 8.39
CA GLU A 217 24.33 -3.95 8.79
C GLU A 217 24.26 -2.76 9.74
N SER A 218 23.31 -1.85 9.51
CA SER A 218 23.16 -0.69 10.38
C SER A 218 22.53 -1.06 11.71
N ILE A 219 21.61 -2.02 11.72
CA ILE A 219 21.03 -2.49 12.97
C ILE A 219 22.12 -3.05 13.86
N ALA A 220 23.04 -3.83 13.29
CA ALA A 220 24.10 -4.44 14.08
C ALA A 220 25.11 -3.40 14.58
N ARG A 221 25.49 -2.46 13.70
CA ARG A 221 26.42 -1.42 14.12
C ARG A 221 25.90 -0.65 15.32
N ASN A 222 24.59 -0.42 15.38
CA ASN A 222 23.99 0.32 16.48
C ASN A 222 23.59 -0.58 17.65
N HIS A 223 24.07 -1.82 17.68
CA HIS A 223 23.87 -2.70 18.83
C HIS A 223 22.39 -2.95 19.10
N LEU A 224 21.62 -3.13 18.02
CA LEU A 224 20.17 -3.32 18.13
C LEU A 224 19.71 -4.65 17.58
N THR A 225 20.64 -5.55 17.22
CA THR A 225 20.24 -6.81 16.60
C THR A 225 19.33 -7.61 17.53
N ASP A 226 19.71 -7.72 18.80
CA ASP A 226 18.94 -8.48 19.77
C ASP A 226 17.82 -7.68 20.43
N ARG A 227 17.63 -6.42 20.02
CA ARG A 227 16.65 -5.55 20.65
C ARG A 227 15.64 -4.95 19.69
N LEU A 228 15.75 -5.20 18.38
CA LEU A 228 14.90 -4.56 17.39
C LEU A 228 14.36 -5.59 16.43
N ASN A 229 13.03 -5.60 16.25
CA ASN A 229 12.37 -6.43 15.26
C ASN A 229 12.24 -5.67 13.96
N LEU A 230 12.52 -6.35 12.85
CA LEU A 230 12.51 -5.75 11.52
C LEU A 230 11.48 -6.45 10.65
N ILE A 231 10.58 -5.66 10.06
CA ILE A 231 9.61 -6.15 9.08
C ILE A 231 9.90 -5.47 7.75
N ILE A 232 10.00 -6.25 6.69
CA ILE A 232 10.13 -5.73 5.33
C ILE A 232 8.95 -6.27 4.53
N THR A 233 8.11 -5.35 4.05
CA THR A 233 6.90 -5.73 3.34
C THR A 233 6.66 -4.70 2.24
N SER A 234 5.45 -4.68 1.70
CA SER A 234 5.10 -3.77 0.63
C SER A 234 3.58 -3.71 0.52
N ASP A 235 3.08 -2.89 -0.40
CA ASP A 235 1.66 -2.63 -0.49
C ASP A 235 0.95 -3.41 -1.59
N HIS A 236 1.65 -3.81 -2.66
CA HIS A 236 1.00 -4.46 -3.79
C HIS A 236 2.08 -4.90 -4.78
N GLY A 237 1.64 -5.62 -5.81
CA GLY A 237 2.50 -6.07 -6.88
C GLY A 237 2.44 -5.16 -8.09
N MET A 238 2.68 -5.76 -9.26
CA MET A 238 2.74 -5.00 -10.50
C MET A 238 2.52 -5.97 -11.66
N THR A 239 1.82 -5.51 -12.70
CA THR A 239 1.56 -6.34 -13.87
C THR A 239 1.78 -5.50 -15.12
N THR A 240 2.08 -6.17 -16.22
CA THR A 240 2.33 -5.50 -17.49
C THR A 240 1.02 -5.04 -18.13
N VAL A 241 1.05 -3.82 -18.67
CA VAL A 241 -0.05 -3.30 -19.47
C VAL A 241 0.36 -3.46 -20.94
N ASP A 242 -0.30 -4.37 -21.65
CA ASP A 242 0.05 -4.63 -23.04
C ASP A 242 -0.59 -3.57 -23.92
N LYS A 243 0.26 -2.75 -24.55
CA LYS A 243 -0.24 -1.74 -25.49
C LYS A 243 -0.65 -2.34 -26.82
N ARG A 244 -0.09 -3.52 -27.17
CA ARG A 244 -0.43 -4.17 -28.42
C ARG A 244 -1.90 -4.55 -28.48
N ALA A 245 -2.52 -4.83 -27.34
CA ALA A 245 -3.91 -5.25 -27.32
C ALA A 245 -4.80 -4.19 -27.96
N GLY A 246 -5.85 -4.65 -28.64
CA GLY A 246 -6.69 -3.77 -29.43
C GLY A 246 -8.05 -3.46 -28.83
N ASP A 247 -8.51 -4.28 -27.89
CA ASP A 247 -9.83 -4.09 -27.28
C ASP A 247 -9.71 -3.28 -25.99
N LEU A 248 -9.23 -2.05 -26.14
CA LEU A 248 -8.99 -1.19 -25.00
C LEU A 248 -10.31 -0.70 -24.41
N VAL A 249 -10.29 -0.44 -23.10
CA VAL A 249 -11.45 0.10 -22.39
C VAL A 249 -11.41 1.61 -22.57
N GLU A 250 -12.29 2.13 -23.43
CA GLU A 250 -12.30 3.55 -23.78
C GLU A 250 -13.73 4.06 -23.66
N PHE A 251 -13.98 4.89 -22.64
CA PHE A 251 -15.31 5.44 -22.44
C PHE A 251 -15.74 6.27 -23.66
N HIS A 252 -14.80 6.97 -24.29
CA HIS A 252 -15.14 7.82 -25.42
C HIS A 252 -15.60 7.02 -26.64
N LYS A 253 -15.59 5.69 -26.58
CA LYS A 253 -16.11 4.85 -27.65
C LYS A 253 -17.29 3.99 -27.19
N PHE A 254 -17.92 4.36 -26.08
CA PHE A 254 -19.16 3.71 -25.66
C PHE A 254 -20.33 4.44 -26.33
N PRO A 255 -21.05 3.80 -27.26
CA PRO A 255 -22.08 4.56 -28.02
C PRO A 255 -23.14 5.21 -27.14
N ASN A 256 -23.73 4.46 -26.22
CA ASN A 256 -24.89 4.93 -25.45
C ASN A 256 -24.51 5.74 -24.21
N PHE A 257 -23.22 5.91 -23.94
CA PHE A 257 -22.78 6.69 -22.80
C PHE A 257 -22.43 8.11 -23.23
N THR A 258 -22.62 9.05 -22.31
CA THR A 258 -22.29 10.45 -22.54
C THR A 258 -21.82 11.06 -21.24
N PHE A 259 -20.72 11.82 -21.31
CA PHE A 259 -20.24 12.53 -20.12
C PHE A 259 -21.14 13.69 -19.73
N ARG A 260 -22.15 14.02 -20.55
CA ARG A 260 -23.16 14.99 -20.15
C ARG A 260 -23.99 14.50 -18.98
N ASP A 261 -24.02 13.20 -18.73
CA ASP A 261 -24.79 12.62 -17.63
C ASP A 261 -24.00 12.50 -16.34
N ILE A 262 -22.76 12.97 -16.32
CA ILE A 262 -21.86 12.76 -15.18
C ILE A 262 -21.63 14.10 -14.49
N GLU A 263 -21.80 14.10 -13.16
CA GLU A 263 -21.52 15.27 -12.33
C GLU A 263 -20.10 15.25 -11.79
N PHE A 264 -19.55 14.06 -11.53
CA PHE A 264 -18.19 13.92 -11.03
C PHE A 264 -17.64 12.60 -11.54
N GLU A 265 -16.36 12.60 -11.92
CA GLU A 265 -15.73 11.41 -12.46
C GLU A 265 -14.31 11.29 -11.90
N LEU A 266 -13.85 10.05 -11.78
CA LEU A 266 -12.46 9.74 -11.42
C LEU A 266 -12.04 8.55 -12.27
N LEU A 267 -11.53 8.84 -13.46
CA LEU A 267 -11.07 7.83 -14.41
C LEU A 267 -9.63 8.15 -14.79
N ASP A 268 -9.13 7.45 -15.81
CA ASP A 268 -7.75 7.63 -16.29
C ASP A 268 -6.74 7.44 -15.16
N TYR A 269 -7.05 6.57 -14.22
CA TYR A 269 -6.21 6.32 -13.06
C TYR A 269 -6.12 4.80 -12.85
N GLY A 270 -5.50 4.12 -13.80
CA GLY A 270 -5.32 2.70 -13.71
C GLY A 270 -6.60 1.95 -13.98
N PRO A 271 -6.78 0.79 -13.34
CA PRO A 271 -7.97 -0.03 -13.62
C PRO A 271 -9.13 0.22 -12.68
N ASN A 272 -9.16 1.38 -12.02
CA ASN A 272 -10.22 1.70 -11.08
C ASN A 272 -10.88 3.02 -11.48
N GLY A 273 -12.21 3.03 -11.48
CA GLY A 273 -12.96 4.22 -11.83
C GLY A 273 -14.12 4.43 -10.90
N MET A 274 -14.45 5.70 -10.70
CA MET A 274 -15.61 6.11 -9.92
C MET A 274 -16.43 7.11 -10.73
N LEU A 275 -17.74 7.13 -10.46
CA LEU A 275 -18.64 8.02 -11.18
C LEU A 275 -19.79 8.45 -10.28
N LEU A 276 -20.14 9.72 -10.37
CA LEU A 276 -21.34 10.27 -9.72
C LEU A 276 -22.22 10.88 -10.81
N PRO A 277 -23.24 10.17 -11.29
CA PRO A 277 -24.14 10.77 -12.28
C PRO A 277 -24.90 11.95 -11.71
N LYS A 278 -25.43 12.78 -12.61
CA LYS A 278 -26.28 13.87 -12.21
C LYS A 278 -27.60 13.33 -11.67
N GLU A 279 -28.35 14.20 -10.97
CA GLU A 279 -29.59 13.78 -10.35
C GLU A 279 -30.54 13.18 -11.38
N GLY A 280 -31.01 11.95 -11.09
CA GLY A 280 -32.00 11.29 -11.91
C GLY A 280 -31.47 10.52 -13.10
N ARG A 281 -30.16 10.55 -13.34
CA ARG A 281 -29.58 9.90 -14.51
C ARG A 281 -28.79 8.65 -14.16
N LEU A 282 -28.83 8.20 -12.90
CA LEU A 282 -28.05 7.04 -12.50
C LEU A 282 -28.42 5.80 -13.31
N GLU A 283 -29.72 5.52 -13.44
CA GLU A 283 -30.14 4.34 -14.18
C GLU A 283 -29.74 4.42 -15.64
N LYS A 284 -29.87 5.60 -16.24
CA LYS A 284 -29.45 5.77 -17.63
C LYS A 284 -27.97 5.47 -17.80
N VAL A 285 -27.14 6.04 -16.92
CA VAL A 285 -25.70 5.83 -17.01
C VAL A 285 -25.36 4.36 -16.75
N TYR A 286 -26.03 3.75 -15.77
CA TYR A 286 -25.65 2.39 -15.37
C TYR A 286 -26.01 1.38 -16.44
N ASP A 287 -27.26 1.42 -16.93
CA ASP A 287 -27.68 0.47 -17.95
C ASP A 287 -26.81 0.55 -19.20
N ALA A 288 -26.17 1.70 -19.45
CA ALA A 288 -25.30 1.84 -20.61
C ALA A 288 -23.93 1.21 -20.36
N LEU A 289 -23.43 1.26 -19.13
CA LEU A 289 -22.06 0.84 -18.83
C LEU A 289 -21.95 -0.59 -18.32
N LYS A 290 -23.05 -1.19 -17.89
CA LYS A 290 -22.98 -2.54 -17.31
C LYS A 290 -22.54 -3.58 -18.33
N ASP A 291 -22.70 -3.30 -19.64
CA ASP A 291 -22.28 -4.23 -20.69
C ASP A 291 -21.45 -3.52 -21.77
N ALA A 292 -20.87 -2.37 -21.44
CA ALA A 292 -20.15 -1.60 -22.46
C ALA A 292 -18.88 -2.32 -22.92
N HIS A 293 -18.25 -3.08 -22.04
CA HIS A 293 -16.98 -3.73 -22.37
C HIS A 293 -16.85 -5.00 -21.55
N PRO A 294 -16.52 -6.13 -22.17
CA PRO A 294 -16.45 -7.40 -21.40
C PRO A 294 -15.33 -7.42 -20.37
N LYS A 295 -14.44 -6.43 -20.34
CA LYS A 295 -13.35 -6.38 -19.39
C LYS A 295 -13.46 -5.22 -18.41
N LEU A 296 -14.59 -4.52 -18.42
CA LEU A 296 -14.89 -3.49 -17.44
C LEU A 296 -16.08 -3.95 -16.61
N HIS A 297 -15.90 -3.99 -15.28
CA HIS A 297 -16.92 -4.50 -14.38
C HIS A 297 -17.48 -3.32 -13.58
N VAL A 298 -18.69 -2.90 -13.93
CA VAL A 298 -19.34 -1.73 -13.34
C VAL A 298 -20.43 -2.20 -12.38
N TYR A 299 -20.47 -1.58 -11.21
CA TYR A 299 -21.41 -1.96 -10.16
C TYR A 299 -22.08 -0.73 -9.58
N LYS A 300 -23.31 -0.91 -9.15
CA LYS A 300 -23.88 0.00 -8.16
C LYS A 300 -23.18 -0.24 -6.83
N LYS A 301 -23.01 0.85 -6.06
CA LYS A 301 -22.28 0.75 -4.81
C LYS A 301 -22.78 -0.39 -3.93
N GLU A 302 -24.10 -0.63 -3.94
CA GLU A 302 -24.67 -1.65 -3.07
C GLU A 302 -24.37 -3.05 -3.56
N ALA A 303 -24.17 -3.22 -4.87
CA ALA A 303 -23.96 -4.54 -5.46
C ALA A 303 -22.49 -4.92 -5.61
N PHE A 304 -21.57 -4.01 -5.31
CA PHE A 304 -20.16 -4.32 -5.46
C PHE A 304 -19.81 -5.51 -4.56
N PRO A 305 -19.01 -6.47 -5.04
CA PRO A 305 -18.77 -7.69 -4.25
C PRO A 305 -18.21 -7.39 -2.87
N GLU A 306 -18.78 -8.04 -1.85
CA GLU A 306 -18.38 -7.79 -0.48
C GLU A 306 -16.98 -8.33 -0.18
N ALA A 307 -16.55 -9.36 -0.92
CA ALA A 307 -15.24 -9.96 -0.66
C ALA A 307 -14.10 -8.96 -0.81
N PHE A 308 -14.31 -7.86 -1.53
CA PHE A 308 -13.27 -6.85 -1.67
C PHE A 308 -13.13 -5.97 -0.44
N HIS A 309 -14.16 -5.87 0.39
CA HIS A 309 -14.13 -5.04 1.59
C HIS A 309 -13.74 -3.60 1.25
N TYR A 310 -14.39 -3.06 0.21
CA TYR A 310 -14.00 -1.75 -0.30
C TYR A 310 -15.17 -0.78 -0.47
N ALA A 311 -16.32 -1.25 -0.94
CA ALA A 311 -17.35 -0.34 -1.43
C ALA A 311 -18.15 0.30 -0.30
N ASN A 312 -18.27 -0.35 0.85
CA ASN A 312 -19.18 0.11 1.90
C ASN A 312 -18.50 1.22 2.72
N ASN A 313 -18.42 2.40 2.10
CA ASN A 313 -17.91 3.59 2.78
C ASN A 313 -18.61 4.80 2.18
N PRO A 314 -18.97 5.81 2.98
CA PRO A 314 -19.68 6.96 2.41
C PRO A 314 -18.89 7.68 1.32
N ARG A 315 -17.57 7.65 1.38
CA ARG A 315 -16.76 8.33 0.38
C ARG A 315 -16.86 7.69 -1.00
N VAL A 316 -17.21 6.40 -1.08
CA VAL A 316 -17.33 5.73 -2.37
C VAL A 316 -18.57 6.27 -3.09
N THR A 317 -18.45 6.42 -4.40
CA THR A 317 -19.51 7.00 -5.22
C THR A 317 -20.57 5.96 -5.56
N PRO A 318 -21.74 6.40 -6.04
CA PRO A 318 -22.81 5.44 -6.34
C PRO A 318 -22.43 4.42 -7.39
N LEU A 319 -21.50 4.75 -8.29
CA LEU A 319 -21.02 3.83 -9.30
C LEU A 319 -19.50 3.73 -9.19
N LEU A 320 -19.00 2.50 -9.12
CA LEU A 320 -17.57 2.25 -9.17
C LEU A 320 -17.34 1.05 -10.10
N MET A 321 -16.08 0.86 -10.49
CA MET A 321 -15.77 -0.12 -11.52
C MET A 321 -14.31 -0.51 -11.42
N TYR A 322 -14.00 -1.70 -11.94
CA TYR A 322 -12.63 -2.12 -12.11
C TYR A 322 -12.52 -2.96 -13.38
N SER A 323 -11.34 -2.94 -14.00
CA SER A 323 -11.11 -3.64 -15.25
C SER A 323 -10.17 -4.83 -15.03
N ASP A 324 -10.17 -5.73 -16.02
CA ASP A 324 -9.41 -6.96 -15.91
C ASP A 324 -7.91 -6.69 -15.95
N LEU A 325 -7.15 -7.68 -15.47
CA LEU A 325 -5.70 -7.58 -15.36
C LEU A 325 -5.07 -7.19 -16.69
N GLY A 326 -4.20 -6.19 -16.65
CA GLY A 326 -3.52 -5.70 -17.84
C GLY A 326 -4.27 -4.65 -18.62
N TYR A 327 -5.43 -4.21 -18.15
CA TYR A 327 -6.24 -3.21 -18.85
C TYR A 327 -6.52 -2.05 -17.91
N VAL A 328 -6.27 -0.84 -18.39
CA VAL A 328 -6.60 0.37 -17.65
C VAL A 328 -7.89 0.95 -18.22
N ILE A 329 -8.42 1.96 -17.55
CA ILE A 329 -9.68 2.59 -17.94
C ILE A 329 -9.37 3.96 -18.52
N HIS A 330 -9.76 4.17 -19.78
CA HIS A 330 -9.60 5.44 -20.46
C HIS A 330 -10.92 6.18 -20.48
N GLY A 331 -10.90 7.44 -20.04
CA GLY A 331 -12.12 8.23 -19.97
C GLY A 331 -12.41 9.01 -21.24
N ARG A 332 -12.34 10.35 -21.15
CA ARG A 332 -12.66 11.19 -22.30
C ARG A 332 -11.60 11.05 -23.40
N ILE A 333 -10.37 10.69 -23.03
CA ILE A 333 -9.27 10.60 -23.98
C ILE A 333 -8.14 9.85 -23.31
N ASN A 334 -7.37 9.09 -24.09
CA ASN A 334 -6.31 8.26 -23.54
C ASN A 334 -5.11 9.12 -23.16
N VAL A 335 -4.69 9.00 -21.89
CA VAL A 335 -3.59 9.82 -21.37
C VAL A 335 -2.64 8.97 -20.53
N GLN A 336 -2.85 7.65 -20.52
CA GLN A 336 -2.04 6.74 -19.72
C GLN A 336 -1.03 6.03 -20.60
N PHE A 337 0.21 5.89 -20.09
CA PHE A 337 1.29 5.33 -20.88
C PHE A 337 2.23 4.45 -20.06
N ASN A 338 1.90 4.14 -18.81
CA ASN A 338 2.76 3.28 -18.00
C ASN A 338 2.83 1.88 -18.60
N ASN A 339 4.03 1.29 -18.54
CA ASN A 339 4.20 -0.09 -18.98
C ASN A 339 3.71 -1.09 -17.93
N GLY A 340 3.75 -0.71 -16.65
CA GLY A 340 3.24 -1.55 -15.59
C GLY A 340 2.23 -0.80 -14.76
N GLU A 341 1.26 -1.54 -14.23
CA GLU A 341 0.22 -0.95 -13.41
C GLU A 341 -0.16 -1.89 -12.26
N HIS A 342 -0.82 -1.31 -11.27
CA HIS A 342 -1.45 -2.05 -10.19
C HIS A 342 -2.83 -1.45 -9.95
N GLY A 343 -3.52 -1.94 -8.93
CA GLY A 343 -4.90 -1.58 -8.70
C GLY A 343 -5.89 -2.67 -9.06
N PHE A 344 -5.42 -3.78 -9.61
CA PHE A 344 -6.30 -4.84 -10.08
C PHE A 344 -6.77 -5.70 -8.90
N ASP A 345 -7.68 -6.63 -9.21
CA ASP A 345 -8.19 -7.58 -8.24
C ASP A 345 -7.07 -8.14 -7.39
N ASN A 346 -7.25 -8.10 -6.07
CA ASN A 346 -6.24 -8.60 -5.15
C ASN A 346 -6.14 -10.12 -5.13
N LYS A 347 -7.01 -10.80 -5.88
CA LYS A 347 -6.87 -12.24 -6.07
C LYS A 347 -5.88 -12.59 -7.18
N ASP A 348 -5.62 -11.66 -8.09
CA ASP A 348 -4.64 -11.89 -9.14
C ASP A 348 -3.24 -12.05 -8.55
N MET A 349 -2.52 -13.08 -9.02
CA MET A 349 -1.20 -13.38 -8.47
C MET A 349 -0.23 -12.22 -8.66
N ASP A 350 -0.34 -11.50 -9.78
CA ASP A 350 0.58 -10.40 -10.04
C ASP A 350 0.45 -9.27 -9.02
N MET A 351 -0.70 -9.17 -8.35
CA MET A 351 -0.90 -8.16 -7.32
C MET A 351 -0.39 -8.57 -5.95
N LYS A 352 -0.11 -9.86 -5.74
CA LYS A 352 0.38 -10.30 -4.45
C LYS A 352 1.74 -9.67 -4.15
N THR A 353 2.05 -9.53 -2.87
CA THR A 353 3.25 -8.85 -2.43
C THR A 353 3.98 -9.67 -1.37
N ILE A 354 4.97 -9.07 -0.70
CA ILE A 354 5.89 -9.79 0.16
C ILE A 354 5.58 -9.50 1.63
N PHE A 355 6.04 -10.40 2.50
CA PHE A 355 6.14 -10.12 3.92
C PHE A 355 7.35 -10.88 4.46
N ARG A 356 8.32 -10.12 4.96
CA ARG A 356 9.54 -10.68 5.53
C ARG A 356 9.79 -10.05 6.88
N ALA A 357 10.34 -10.83 7.80
CA ALA A 357 10.62 -10.33 9.14
C ALA A 357 11.76 -11.10 9.78
N VAL A 358 12.49 -10.42 10.65
CA VAL A 358 13.57 -11.03 11.42
C VAL A 358 13.72 -10.23 12.70
N GLY A 359 14.15 -10.92 13.77
CA GLY A 359 14.37 -10.26 15.03
C GLY A 359 14.35 -11.21 16.21
N PRO A 360 14.55 -10.67 17.41
CA PRO A 360 14.53 -11.52 18.61
C PRO A 360 13.20 -12.21 18.84
N SER A 361 12.09 -11.57 18.48
CA SER A 361 10.78 -12.16 18.68
C SER A 361 10.42 -13.20 17.62
N PHE A 362 11.08 -13.16 16.46
CA PHE A 362 10.71 -13.97 15.31
C PHE A 362 11.53 -15.26 15.26
N ARG A 363 10.86 -16.33 14.83
CA ARG A 363 11.55 -17.59 14.55
C ARG A 363 12.47 -17.41 13.33
N ALA A 364 13.18 -18.48 12.98
CA ALA A 364 14.14 -18.44 11.90
C ALA A 364 13.96 -19.65 10.99
N GLY A 365 14.06 -19.40 9.68
CA GLY A 365 13.88 -20.44 8.68
C GLY A 365 12.44 -20.84 8.44
N LEU A 366 11.48 -20.00 8.80
CA LEU A 366 10.07 -20.35 8.77
C LEU A 366 9.39 -19.71 7.57
N GLU A 367 8.65 -20.52 6.80
CA GLU A 367 7.80 -20.03 5.73
C GLU A 367 6.35 -20.37 6.08
N VAL A 368 5.48 -19.36 6.02
CA VAL A 368 4.08 -19.52 6.37
C VAL A 368 3.24 -19.39 5.10
N GLU A 369 2.03 -19.95 5.16
CA GLU A 369 1.13 -19.87 4.03
C GLU A 369 0.59 -18.45 3.90
N PRO A 370 0.03 -18.10 2.74
CA PRO A 370 -0.35 -16.70 2.49
C PRO A 370 -1.39 -16.21 3.48
N PHE A 371 -1.45 -14.87 3.62
CA PHE A 371 -2.41 -14.22 4.49
C PHE A 371 -2.67 -12.82 3.97
N GLU A 372 -3.77 -12.23 4.43
CA GLU A 372 -4.13 -10.87 4.03
C GLU A 372 -3.37 -9.86 4.87
N SER A 373 -3.01 -8.73 4.24
CA SER A 373 -2.26 -7.68 4.92
C SER A 373 -3.01 -7.10 6.10
N VAL A 374 -4.32 -7.33 6.19
CA VAL A 374 -5.13 -6.82 7.29
C VAL A 374 -4.62 -7.31 8.64
N HIS A 375 -3.81 -8.36 8.67
CA HIS A 375 -3.37 -8.98 9.91
C HIS A 375 -2.03 -8.46 10.42
N VAL A 376 -1.30 -7.68 9.62
CA VAL A 376 0.00 -7.18 10.05
C VAL A 376 -0.15 -6.31 11.30
N TYR A 377 -1.21 -5.51 11.34
CA TYR A 377 -1.38 -4.56 12.46
C TYR A 377 -1.40 -5.29 13.80
N GLU A 378 -2.25 -6.30 13.95
CA GLU A 378 -2.31 -7.04 15.20
C GLU A 378 -0.92 -7.54 15.60
N LEU A 379 -0.15 -8.02 14.62
CA LEU A 379 1.20 -8.51 14.93
C LEU A 379 2.08 -7.39 15.49
N MET A 380 2.06 -6.23 14.84
CA MET A 380 2.92 -5.13 15.28
C MET A 380 2.56 -4.68 16.70
N CYS A 381 1.27 -4.67 17.04
CA CYS A 381 0.87 -4.29 18.38
C CYS A 381 1.39 -5.28 19.42
N ARG A 382 1.30 -6.58 19.11
CA ARG A 382 1.87 -7.59 20.01
C ARG A 382 3.38 -7.39 20.15
N LEU A 383 4.07 -7.09 19.04
CA LEU A 383 5.51 -6.86 19.11
C LEU A 383 5.84 -5.63 19.95
N LEU A 384 4.97 -4.64 19.97
CA LEU A 384 5.18 -3.43 20.77
C LEU A 384 4.63 -3.55 22.18
N GLY A 385 3.80 -4.56 22.45
CA GLY A 385 3.21 -4.71 23.76
C GLY A 385 2.19 -3.65 24.10
N ILE A 386 1.38 -3.24 23.14
CA ILE A 386 0.38 -2.19 23.35
C ILE A 386 -1.01 -2.77 23.08
N VAL A 387 -2.02 -2.08 23.58
CA VAL A 387 -3.41 -2.46 23.36
C VAL A 387 -3.78 -2.04 21.95
N PRO A 388 -4.25 -2.96 21.10
CA PRO A 388 -4.64 -2.58 19.75
C PRO A 388 -6.03 -1.96 19.70
N GLU A 389 -6.18 -1.00 18.79
CA GLU A 389 -7.52 -0.54 18.43
C GLU A 389 -8.32 -1.71 17.86
N ALA A 390 -9.63 -1.65 18.04
CA ALA A 390 -10.48 -2.61 17.35
C ALA A 390 -10.20 -2.56 15.86
N ASN A 391 -9.99 -3.71 15.24
CA ASN A 391 -9.64 -3.76 13.83
C ASN A 391 -10.23 -5.03 13.21
N ASP A 392 -10.03 -5.17 11.91
CA ASP A 392 -10.59 -6.27 11.13
C ASP A 392 -9.69 -7.49 11.09
N GLY A 393 -8.48 -7.41 11.64
CA GLY A 393 -7.59 -8.55 11.66
C GLY A 393 -7.73 -9.41 12.89
N HIS A 394 -7.00 -10.53 12.88
CA HIS A 394 -6.97 -11.47 14.00
CA HIS A 394 -6.96 -11.46 14.00
C HIS A 394 -5.51 -11.83 14.26
N LEU A 395 -5.08 -11.66 15.51
CA LEU A 395 -3.67 -11.89 15.84
C LEU A 395 -3.27 -13.35 15.70
N ALA A 396 -4.22 -14.28 15.86
CA ALA A 396 -3.89 -15.70 15.74
C ALA A 396 -3.31 -16.04 14.38
N THR A 397 -3.54 -15.20 13.37
CA THR A 397 -3.08 -15.50 12.02
C THR A 397 -1.56 -15.52 11.95
N LEU A 398 -0.90 -14.50 12.50
CA LEU A 398 0.54 -14.37 12.39
C LEU A 398 1.29 -14.73 13.67
N LEU A 399 0.58 -14.99 14.77
CA LEU A 399 1.26 -15.34 16.00
C LEU A 399 2.19 -16.54 15.87
N PRO A 400 1.93 -17.53 15.01
CA PRO A 400 2.91 -18.61 14.83
C PRO A 400 4.28 -18.13 14.39
N MET A 401 4.41 -16.89 13.93
CA MET A 401 5.72 -16.37 13.53
C MET A 401 6.63 -16.14 14.72
N LEU A 402 6.07 -15.94 15.90
CA LEU A 402 6.83 -15.46 17.06
C LEU A 402 7.24 -16.62 17.96
N HIS A 403 8.36 -16.43 18.66
CA HIS A 403 8.79 -17.38 19.66
C HIS A 403 7.78 -17.44 20.80
N THR A 404 7.77 -18.58 21.49
CA THR A 404 6.99 -18.75 22.71
C THR A 404 7.81 -18.26 23.90
N GLU A 405 7.23 -17.37 24.69
CA GLU A 405 7.92 -16.85 25.86
C GLU A 405 8.05 -17.94 26.94
N SER A 406 9.07 -17.80 27.78
CA SER A 406 9.33 -18.76 28.84
C SER A 406 9.36 -18.09 30.21
C1 NAG B . -16.42 19.31 -0.05
C2 NAG B . -16.16 19.82 1.37
C3 NAG B . -17.36 20.63 1.86
C4 NAG B . -17.71 21.73 0.87
C5 NAG B . -17.87 21.17 -0.54
C6 NAG B . -18.06 22.24 -1.59
C7 NAG B . -14.64 18.32 2.58
C8 NAG B . -14.54 17.17 3.54
N2 NAG B . -15.87 18.72 2.28
O3 NAG B . -17.06 21.19 3.14
O4 NAG B . -18.95 22.34 1.23
O5 NAG B . -16.70 20.42 -0.91
O6 NAG B . -17.19 23.34 -1.37
O7 NAG B . -13.64 18.87 2.11
H1 NAG B . -17.19 18.71 -0.05
H2 NAG B . -15.39 20.41 1.35
H3 NAG B . -18.13 20.03 1.96
H4 NAG B . -17.00 22.41 0.87
H5 NAG B . -18.64 20.57 -0.55
H61 NAG B . -18.98 22.54 -1.57
H62 NAG B . -17.86 21.86 -2.46
H81 NAG B . -14.99 16.39 3.15
H82 NAG B . -14.97 17.41 4.38
H83 NAG B . -13.59 16.96 3.69
HN2 NAG B . -16.59 18.28 2.65
HO3 NAG B . -17.76 21.14 3.66
HO6 NAG B . -17.46 24.03 -1.85
C1 NAG B . -18.77 23.65 1.79
C2 NAG B . -20.11 24.40 1.73
C3 NAG B . -20.02 25.74 2.45
C4 NAG B . -19.45 25.56 3.85
C5 NAG B . -18.13 24.82 3.78
C6 NAG B . -17.52 24.53 5.13
C7 NAG B . -21.39 23.79 -0.28
C8 NAG B . -21.69 24.16 -1.71
N2 NAG B . -20.53 24.60 0.35
O3 NAG B . -21.31 26.32 2.53
O4 NAG B . -19.25 26.83 4.47
O5 NAG B . -18.33 23.55 3.14
O6 NAG B . -16.81 23.30 5.13
O7 NAG B . -21.90 22.81 0.26
H1 NAG B . -18.11 24.14 1.27
H2 NAG B . -20.78 23.85 2.18
H3 NAG B . -19.44 26.33 1.95
H4 NAG B . -20.08 25.04 4.39
H5 NAG B . -17.50 25.34 3.25
H61 NAG B . -18.23 24.50 5.80
H62 NAG B . -16.90 25.25 5.36
H81 NAG B . -20.87 24.15 -2.23
H82 NAG B . -22.09 25.05 -1.73
H83 NAG B . -22.33 23.51 -2.08
HN2 NAG B . -20.19 25.31 -0.10
HO3 NAG B . -21.43 26.69 3.34
HO4 NAG B . -19.29 26.74 5.36
HO6 NAG B . -16.19 23.32 4.50
C1 NAG C . -15.15 11.01 7.21
C2 NAG C . -15.93 11.78 8.26
C3 NAG C . -17.37 12.02 7.80
C4 NAG C . -17.41 12.62 6.40
C5 NAG C . -16.52 11.82 5.44
C6 NAG C . -16.42 12.45 4.08
C7 NAG C . -15.02 11.29 10.50
C8 NAG C . -15.17 10.45 11.73
N2 NAG C . -15.92 11.06 9.54
O3 NAG C . -18.01 12.91 8.72
O4 NAG C . -18.75 12.55 5.92
O5 NAG C . -15.20 11.73 5.98
O6 NAG C . -15.08 12.89 3.81
O7 NAG C . -14.14 12.13 10.39
H1 NAG C . -15.55 10.14 7.08
H2 NAG C . -15.51 12.65 8.40
H3 NAG C . -17.85 11.16 7.80
H4 NAG C . -17.11 13.54 6.44
H5 NAG C . -16.90 10.92 5.35
H61 NAG C . -17.02 13.22 4.03
H62 NAG C . -16.67 11.80 3.40
H81 NAG C . -16.05 10.61 12.14
H82 NAG C . -14.47 10.69 12.38
H83 NAG C . -15.08 9.51 11.50
HN2 NAG C . -16.55 10.42 9.67
HO3 NAG C . -18.22 13.65 8.30
HO6 NAG C . -14.58 12.77 4.53
C1 NAG C . -19.38 13.84 5.80
C2 NAG C . -20.41 13.75 4.68
C3 NAG C . -21.14 15.06 4.52
C4 NAG C . -21.77 15.47 5.84
C5 NAG C . -20.72 15.49 6.95
C6 NAG C . -21.31 15.73 8.32
C7 NAG C . -19.78 12.08 2.98
C8 NAG C . -19.10 11.84 1.68
N2 NAG C . -19.78 13.34 3.43
O3 NAG C . -22.13 14.94 3.52
O4 NAG C . -22.35 16.77 5.72
O5 NAG C . -20.04 14.22 7.02
O6 NAG C . -20.62 15.01 9.33
O7 NAG C . -20.31 11.17 3.62
H1 NAG C . -18.72 14.51 5.56
H2 NAG C . -21.07 13.06 4.93
H3 NAG C . -20.50 15.75 4.25
H4 NAG C . -22.47 14.84 6.07
H5 NAG C . -20.07 16.19 6.77
H61 NAG C . -22.25 15.45 8.31
H62 NAG C . -21.28 16.68 8.52
H81 NAG C . -19.15 10.89 1.45
H82 NAG C . -18.16 12.11 1.75
H83 NAG C . -19.53 12.36 0.98
HN2 NAG C . -19.38 13.98 2.92
HO3 NAG C . -22.55 15.72 3.41
HO4 NAG C . -23.15 16.70 5.33
HO6 NAG C . -20.57 14.15 9.10
C1 NAG D . 5.81 16.66 8.21
C2 NAG D . 5.72 17.09 9.69
C3 NAG D . 6.59 18.31 9.96
C4 NAG D . 7.99 18.15 9.40
C5 NAG D . 7.95 17.68 7.94
C6 NAG D . 9.31 17.37 7.37
C7 NAG D . 3.60 16.53 10.79
C8 NAG D . 2.20 16.97 11.07
N2 NAG D . 4.34 17.35 10.06
O3 NAG D . 6.67 18.51 11.37
O4 NAG D . 8.66 19.42 9.44
O5 NAG D . 7.18 16.48 7.86
O6 NAG D . 9.24 17.23 5.96
O7 NAG D . 4.04 15.46 11.22
H1 NAG D . 5.43 17.36 7.66
H2 NAG D . 6.05 16.35 10.24
H3 NAG D . 6.17 19.10 9.55
H4 NAG D . 8.49 17.51 9.93
H5 NAG D . 7.52 18.37 7.40
H61 NAG D . 9.64 16.53 7.76
H62 NAG D . 9.92 18.09 7.59
H81 NAG D . 2.20 17.82 11.55
H82 NAG D . 1.74 16.30 11.61
H83 NAG D . 1.72 17.08 10.22
HN2 NAG D . 3.96 18.13 9.76
HO3 NAG D . 7.02 17.78 11.75
HO6 NAG D . 9.90 16.69 5.68
C1 NAG D . 9.80 19.37 10.32
C2 NAG D . 10.69 20.56 10.03
C3 NAG D . 11.92 20.52 10.92
C4 NAG D . 11.52 20.40 12.38
C5 NAG D . 10.49 19.30 12.61
C6 NAG D . 9.89 19.36 14.00
C7 NAG D . 10.23 21.09 7.68
C8 NAG D . 10.78 21.08 6.28
N2 NAG D . 11.06 20.63 8.63
O3 NAG D . 12.70 21.69 10.72
O4 NAG D . 12.68 20.08 13.16
O5 NAG D . 9.40 19.39 11.69
O6 NAG D . 8.95 20.42 14.09
O7 NAG D . 9.10 21.48 7.93
H1 NAG D . 10.31 18.55 10.15
H2 NAG D . 10.19 21.38 10.26
H3 NAG D . 12.46 19.74 10.67
H4 NAG D . 11.16 21.25 12.69
H5 NAG D . 10.93 18.43 12.50
H61 NAG D . 10.60 19.49 14.65
H62 NAG D . 9.44 18.52 14.18
H81 NAG D . 11.58 21.64 6.24
H82 NAG D . 10.11 21.42 5.66
H83 NAG D . 11.01 20.16 6.03
HN2 NAG D . 11.89 20.35 8.38
HO3 NAG D . 13.26 21.57 10.03
HO6 NAG D . 8.71 20.68 13.29
C1 BMA D . 13.10 21.17 14.01
C2 BMA D . 13.81 20.56 15.24
C3 BMA D . 14.37 21.68 16.12
C4 BMA D . 15.11 22.78 15.32
C5 BMA D . 14.34 23.19 14.03
C6 BMA D . 15.16 24.05 13.06
O2 BMA D . 14.90 19.75 14.85
O3 BMA D . 15.24 21.13 17.12
O4 BMA D . 15.27 23.91 16.16
O5 BMA D . 13.97 22.02 13.31
O6 BMA D . 16.02 23.19 12.33
H1 BMA D . 12.21 21.75 14.35
H2 BMA D . 13.07 19.97 15.80
H3 BMA D . 13.55 22.15 16.67
H4 BMA D . 16.09 22.38 15.01
H5 BMA D . 13.44 23.76 14.31
H61 BMA D . 15.72 24.79 13.65
H62 BMA D . 14.45 24.59 12.42
HO2 BMA D . 15.41 19.57 15.66
HO3 BMA D . 15.56 21.90 17.63
HO4 BMA D . 15.58 24.63 15.59
C1 NAG E . 21.70 11.44 -4.50
C2 NAG E . 22.14 12.63 -5.36
C3 NAG E . 23.44 13.22 -4.80
C4 NAG E . 23.33 13.51 -3.31
C5 NAG E . 22.73 12.33 -2.54
C6 NAG E . 22.34 12.70 -1.12
C7 NAG E . 21.32 12.24 -7.64
C8 NAG E . 21.70 11.82 -9.03
N2 NAG E . 22.31 12.24 -6.75
O3 NAG E . 23.73 14.42 -5.50
O4 NAG E . 24.64 13.71 -2.78
O5 NAG E . 21.52 11.87 -3.17
O6 NAG E . 21.75 14.00 -1.08
O7 NAG E . 20.17 12.55 -7.34
H1 NAG E . 22.38 10.75 -4.53
H2 NAG E . 21.46 13.32 -5.31
H3 NAG E . 24.17 12.58 -4.94
H4 NAG E . 22.79 14.31 -3.17
H5 NAG E . 23.37 11.60 -2.51
H61 NAG E . 23.14 12.69 -0.55
H62 NAG E . 21.70 12.05 -0.79
H81 NAG E . 22.05 10.92 -9.02
H82 NAG E . 22.37 12.43 -9.38
H83 NAG E . 20.89 11.85 -9.59
HN2 NAG E . 23.15 12.01 -7.03
HO3 NAG E . 23.11 15.02 -5.32
C1 NAG E . 24.90 15.08 -2.45
C2 NAG E . 26.22 15.08 -1.68
C3 NAG E . 26.62 16.51 -1.31
C4 NAG E . 26.65 17.37 -2.56
C5 NAG E . 25.34 17.27 -3.33
C6 NAG E . 25.39 17.98 -4.66
C7 NAG E . 26.62 13.01 -0.43
C8 NAG E . 26.44 12.28 0.88
N2 NAG E . 26.13 14.25 -0.49
O3 NAG E . 27.89 16.49 -0.68
O4 NAG E . 26.89 18.73 -2.21
O5 NAG E . 25.03 15.90 -3.61
O6 NAG E . 24.08 18.16 -5.21
O7 NAG E . 27.18 12.48 -1.39
H1 NAG E . 24.19 15.43 -1.88
H2 NAG E . 26.91 14.71 -2.26
H3 NAG E . 25.96 16.87 -0.69
H4 NAG E . 27.38 17.07 -3.14
H5 NAG E . 24.62 17.66 -2.79
H61 NAG E . 25.92 17.45 -5.29
H62 NAG E . 25.80 18.85 -4.55
H81 NAG E . 25.49 12.21 1.08
H82 NAG E . 26.89 12.79 1.58
H83 NAG E . 26.83 11.40 0.82
HN2 NAG E . 25.72 14.59 0.26
HO3 NAG E . 28.34 17.22 -0.93
HO4 NAG E . 27.53 19.07 -2.73
HO6 NAG E . 24.15 18.53 -6.02
C1 FUC E . 22.03 14.64 0.19
C2 FUC E . 21.47 16.09 0.15
C3 FUC E . 20.16 16.28 0.98
C4 FUC E . 19.25 15.01 1.09
C5 FUC E . 20.05 13.70 1.09
C6 FUC E . 19.64 12.73 2.19
O2 FUC E . 21.29 16.55 -1.19
O3 FUC E . 20.48 16.70 2.30
O4 FUC E . 18.52 15.08 2.31
O5 FUC E . 21.45 13.91 1.23
H1 FUC E . 23.11 14.63 0.39
H2 FUC E . 22.23 16.73 0.59
H3 FUC E . 19.57 17.07 0.49
H4 FUC E . 18.56 14.99 0.24
H5 FUC E . 19.88 13.23 0.10
H61 FUC E . 20.24 11.83 2.14
H62 FUC E . 18.58 12.48 2.09
H63 FUC E . 19.79 13.20 3.17
HO2 FUC E . 21.21 17.52 -1.11
HO3 FUC E . 19.72 17.20 2.62
HO4 FUC E . 19.19 15.19 3.01
ZN ZN F . 2.22 1.43 -4.13
ZN ZN G . 2.24 2.80 -8.26
C1 NAG H . -27.56 1.45 -27.40
C2 NAG H . -27.41 -0.03 -27.70
C3 NAG H . -28.29 -0.42 -28.88
C4 NAG H . -29.74 0.01 -28.63
C5 NAG H . -29.82 1.48 -28.22
C6 NAG H . -31.20 1.90 -27.77
C7 NAG H . -25.21 -0.93 -27.07
C8 NAG H . -23.80 -1.20 -27.52
N2 NAG H . -26.01 -0.37 -27.97
O3 NAG H . -28.22 -1.82 -29.09
O4 NAG H . -30.50 -0.18 -29.81
O5 NAG H . -28.93 1.74 -27.12
O6 NAG H . -31.90 0.83 -27.15
O7 NAG H . -25.59 -1.21 -25.93
H1 NAG H . -27.28 1.98 -28.17
H2 NAG H . -27.70 -0.53 -26.92
H3 NAG H . -27.96 0.04 -29.69
H4 NAG H . -30.11 -0.55 -27.92
H5 NAG H . -29.54 2.03 -28.98
H61 NAG H . -31.70 2.20 -28.56
H62 NAG H . -31.12 2.63 -27.14
H81 NAG H . -23.38 -0.37 -27.78
H82 NAG H . -23.82 -1.81 -28.29
H83 NAG H . -23.30 -1.62 -26.79
HN2 NAG H . -25.68 -0.18 -28.80
HO3 NAG H . -28.94 -2.09 -29.53
HO4 NAG H . -31.35 -0.31 -29.60
HO6 NAG H . -32.47 1.15 -26.56
NA NA I . 16.63 -14.43 -5.68
I IOD J . -4.77 -15.08 1.45
I IOD K . 19.68 8.27 -9.08
I IOD L . -14.95 16.10 -12.15
I IOD M . 12.12 5.88 -13.17
I IOD N . -12.21 20.90 -1.24
I IOD O . -22.54 1.58 -24.48
I IOD P . -21.73 3.49 2.99
I IOD Q . -1.81 18.30 9.74
I IOD R . -19.28 22.55 -9.86
I IOD S . 6.60 -10.93 21.29
I IOD T . 25.61 4.30 -2.21
I IOD U . -21.00 10.82 -3.80
I IOD V . 2.03 -9.89 -21.06
I IOD W . 12.38 17.00 15.19
I IOD X . -18.73 23.95 -6.05
I IOD Y . 18.95 -2.18 -16.68
I IOD Z . 12.62 15.86 11.13
I IOD AA . 4.59 11.06 -6.83
I IOD BA . 10.32 15.59 21.42
I IOD CA . -26.68 9.47 -8.11
I IOD DA . 19.28 2.32 21.78
I IOD EA . 6.62 -3.94 -21.05
I IOD FA . 13.37 -20.84 15.55
I IOD GA . -18.75 6.07 -30.10
I IOD HA . 11.59 8.63 -9.31
I IOD IA . -3.31 2.71 -8.95
I IOD JA . -17.94 16.11 1.76
I IOD KA . 13.54 18.41 7.75
I IOD LA . -0.66 19.44 -6.20
I IOD MA . 1.43 -20.45 10.42
I IOD NA . -6.53 -18.04 12.48
I IOD OA . -4.95 20.12 5.59
I IOD PA . 6.24 19.18 0.49
I IOD QA . -14.34 -0.12 11.68
I IOD RA . 26.28 -3.27 3.85
I IOD SA . 10.78 19.60 -4.30
I IOD TA . 13.36 17.01 -4.10
P1 PC UA . 1.27 5.24 -7.05
O1 PC UA . 1.75 4.75 -8.40
O3 PC UA . 1.05 4.05 -6.14
O4 PC UA . -0.03 5.99 -7.22
O2 PC UA . 2.39 6.26 -6.41
C1 PC UA . 3.03 5.93 -5.20
C2 PC UA . 4.50 5.51 -5.46
N1 PC UA . 5.37 6.53 -6.02
C3 PC UA . 5.35 7.81 -5.31
C4 PC UA . 5.07 6.74 -7.43
C5 PC UA . 6.73 6.01 -5.98
H11 PC UA . 2.56 5.20 -4.79
H12 PC UA . 3.01 6.70 -4.62
H21 PC UA . 4.50 4.75 -6.04
H22 PC UA . 4.87 5.24 -4.60
H31 PC UA . 4.46 7.99 -5.01
H32 PC UA . 5.65 8.52 -5.91
H33 PC UA . 5.96 7.76 -4.55
H41 PC UA . 5.66 7.42 -7.80
H42 PC UA . 4.14 7.03 -7.53
H43 PC UA . 5.19 5.92 -7.92
H51 PC UA . 7.09 6.12 -5.08
H52 PC UA . 7.29 6.48 -6.61
H53 PC UA . 6.72 5.06 -6.20
#